data_1T1O
# 
_entry.id   1T1O 
# 
_audit_conform.dict_name       mmcif_pdbx.dic 
_audit_conform.dict_version    5.386 
_audit_conform.dict_location   http://mmcif.pdb.org/dictionaries/ascii/mmcif_pdbx.dic 
# 
loop_
_database_2.database_id 
_database_2.database_code 
_database_2.pdbx_database_accession 
_database_2.pdbx_DOI 
PDB   1T1O         pdb_00001t1o 10.2210/pdb1t1o/pdb 
RCSB  RCSB022199   ?            ?                   
WWPDB D_1000022199 ?            ?                   
# 
loop_
_pdbx_audit_revision_history.ordinal 
_pdbx_audit_revision_history.data_content_type 
_pdbx_audit_revision_history.major_revision 
_pdbx_audit_revision_history.minor_revision 
_pdbx_audit_revision_history.revision_date 
1 'Structure model' 1 0 2004-06-15 
2 'Structure model' 1 1 2008-04-30 
3 'Structure model' 1 2 2011-07-13 
4 'Structure model' 1 3 2024-02-14 
# 
_pdbx_audit_revision_details.ordinal             1 
_pdbx_audit_revision_details.revision_ordinal    1 
_pdbx_audit_revision_details.data_content_type   'Structure model' 
_pdbx_audit_revision_details.provider            repository 
_pdbx_audit_revision_details.type                'Initial release' 
_pdbx_audit_revision_details.description         ? 
_pdbx_audit_revision_details.details             ? 
# 
loop_
_pdbx_audit_revision_group.ordinal 
_pdbx_audit_revision_group.revision_ordinal 
_pdbx_audit_revision_group.data_content_type 
_pdbx_audit_revision_group.group 
1 2 'Structure model' 'Version format compliance' 
2 3 'Structure model' 'Version format compliance' 
3 4 'Structure model' 'Data collection'           
4 4 'Structure model' 'Database references'       
5 4 'Structure model' 'Refinement description'    
# 
loop_
_pdbx_audit_revision_category.ordinal 
_pdbx_audit_revision_category.revision_ordinal 
_pdbx_audit_revision_category.data_content_type 
_pdbx_audit_revision_category.category 
1 4 'Structure model' chem_comp_atom                
2 4 'Structure model' chem_comp_bond                
3 4 'Structure model' database_2                    
4 4 'Structure model' em_3d_fitting_list            
5 4 'Structure model' em_image_scans                
6 4 'Structure model' pdbx_initial_refinement_model 
# 
loop_
_pdbx_audit_revision_item.ordinal 
_pdbx_audit_revision_item.revision_ordinal 
_pdbx_audit_revision_item.data_content_type 
_pdbx_audit_revision_item.item 
1 4 'Structure model' '_database_2.pdbx_DOI'                            
2 4 'Structure model' '_database_2.pdbx_database_accession'             
3 4 'Structure model' '_em_3d_fitting_list.accession_code'              
4 4 'Structure model' '_em_3d_fitting_list.initial_refinement_model_id' 
5 4 'Structure model' '_em_3d_fitting_list.source_name'                 
6 4 'Structure model' '_em_3d_fitting_list.type'                        
# 
_pdbx_database_status.entry_id                        1T1O 
_pdbx_database_status.status_code                     REL 
_pdbx_database_status.recvd_initial_deposition_date   2004-04-16 
_pdbx_database_status.deposit_site                    RCSB 
_pdbx_database_status.process_site                    RCSB 
_pdbx_database_status.SG_entry                        . 
_pdbx_database_status.status_code_sf                  ? 
_pdbx_database_status.status_code_mr                  ? 
_pdbx_database_status.pdb_format_compatible           Y 
_pdbx_database_status.status_code_cs                  ? 
_pdbx_database_status.status_code_nmr_data            ? 
_pdbx_database_status.methods_development_category    ? 
# 
loop_
_pdbx_database_related.db_name 
_pdbx_database_related.db_id 
_pdbx_database_related.details 
_pdbx_database_related.content_type 
PDB  1KC9     'X-ray crystallographic Structure of the 50S ribosomal subunit from D. radiodurans' unspecified            
PDB  1FJF     'X-ray crystallographic Structure of the 30S ribosomal subunit from T. thermophilu' unspecified            
PDB  1T1M     .                                                                                   unspecified            
EMDB EMD-1077 .                                                                                   'associated EM volume' 
# 
loop_
_audit_author.name 
_audit_author.pdbx_ordinal 
'Agrawal, R.K.'   1 
'Sharma, M.R.'    2 
'Kiel, M.C.'      3 
'Hirokawa, G.'    4 
'Booth, T.M.'     5 
'Spahn, C.M.'     6 
'Grassucci, R.A.' 7 
'Kaji, A.'        8 
'Frank, J.'       9 
# 
loop_
_citation.id 
_citation.title 
_citation.journal_abbrev 
_citation.journal_volume 
_citation.page_first 
_citation.page_last 
_citation.year 
_citation.journal_id_ASTM 
_citation.country 
_citation.journal_id_ISSN 
_citation.journal_id_CSD 
_citation.book_publisher 
_citation.pdbx_database_id_PubMed 
_citation.pdbx_database_id_DOI 
primary 'Visualization of ribosome-recycling factor on the Escherichia coli 70S ribosome: Functional implications' 
Proc.Natl.Acad.Sci.USA  101 8900 8905 2004 PNASA6 US 0027-8424 0040 ? 15178758 10.1073/pnas.0401904101         
1       'High resolution structure of the large ribosomal subunit from a mesophilic eubacterium'                   
'Cell(Cambridge,Mass.)' 107 679  688  2001 CELLB5 US 0092-8674 0998 ? 11733066 '10.1016/S0092-8674(01)00546-3' 
2       'Structure of the 30S ribosomal subunit'                                                                   Nature 407 327  
339  2000 NATUAS UK 0028-0836 0006 ? 11014182 10.1038/35030006                
# 
loop_
_citation_author.citation_id 
_citation_author.name 
_citation_author.ordinal 
_citation_author.identifier_ORCID 
primary 'Agrawal, R.K.'       1  ? 
primary 'Sharma, M.R.'        2  ? 
primary 'Kiel, M.C.'          3  ? 
primary 'Hirokawa, G.'        4  ? 
primary 'Booth, T.M.'         5  ? 
primary 'Spahn, C.M.'         6  ? 
primary 'Grassucci, R.A.'     7  ? 
primary 'Kaji, A.'            8  ? 
primary 'Frank, J.'           9  ? 
1       'Harms, J.'           10 ? 
1       'Schluenzen, F.'      11 ? 
1       'Zarivach, R.'        12 ? 
1       'Bashan, A.'          13 ? 
1       'Gat, S.'             14 ? 
1       'Agmon, I.'           15 ? 
1       'Bartels, H.'         16 ? 
1       'Franceschi, F.'      17 ? 
1       'Yonath, A.'          18 ? 
2       'Wimberly, B.T.'      19 ? 
2       'Brodersen, D.E.'     20 ? 
2       'Clemons Jr., W.M.'   21 ? 
2       'Morgan-Warren, R.J.' 22 ? 
2       'Carter, A.P.'        23 ? 
2       'Vonrhein, C.'        24 ? 
2       'Hartsch, T.'         25 ? 
2       'Ramakrishnan, V.'    26 ? 
# 
loop_
_entity.id 
_entity.type 
_entity.src_method 
_entity.pdbx_description 
_entity.formula_weight 
_entity.pdbx_number_of_molecules 
_entity.pdbx_ec 
_entity.pdbx_mutation 
_entity.pdbx_fragment 
_entity.details 
1 polymer nat 'dodecamer fragment of double helix from 23S rRNA' 3852.344  1 ? ? 'Apical loop of Helix 43' 
'fitted into the cryo-EM map of the 70S ribosome' 
2 polymer nat '19-mer fragment of the 23S rRNA'                  6077.673  1 ? ? 'Helix 69'                
'fitted into the cryo-EM map of the 70S ribosome' 
3 polymer nat '42-mer fragment of double helix from 16S rRNA'    13581.124 1 ? ? 'Top portion of helix 44' 
'fitted into the cryo-EM map of the 70S ribosome' 
# 
_entity_name_com.entity_id   3 
_entity_name_com.name        'Ribosome releasing factor; RRF' 
# 
loop_
_entity_poly.entity_id 
_entity_poly.type 
_entity_poly.nstd_linkage 
_entity_poly.nstd_monomer 
_entity_poly.pdbx_seq_one_letter_code 
_entity_poly.pdbx_seq_one_letter_code_can 
_entity_poly.pdbx_strand_id 
_entity_poly.pdbx_target_identifier 
1 polyribonucleotide no no UGGCUUAGAAGC                               UGGCUUAGAAGC                               A ? 
2 polyribonucleotide no no GGCCGUAACUAUAACGGUC                        GGCCGUAACUAUAACGGUC                        B ? 
3 polyribonucleotide no no GCCCGUCACACCAUGGGAGUAUGACUGGGGUGAAGUCGUAAC GCCCGUCACACCAUGGGAGUAUGACUGGGGUGAAGUCGUAAC C ? 
# 
loop_
_entity_poly_seq.entity_id 
_entity_poly_seq.num 
_entity_poly_seq.mon_id 
_entity_poly_seq.hetero 
1 1  U n 
1 2  G n 
1 3  G n 
1 4  C n 
1 5  U n 
1 6  U n 
1 7  A n 
1 8  G n 
1 9  A n 
1 10 A n 
1 11 G n 
1 12 C n 
2 1  G n 
2 2  G n 
2 3  C n 
2 4  C n 
2 5  G n 
2 6  U n 
2 7  A n 
2 8  A n 
2 9  C n 
2 10 U n 
2 11 A n 
2 12 U n 
2 13 A n 
2 14 A n 
2 15 C n 
2 16 G n 
2 17 G n 
2 18 U n 
2 19 C n 
3 1  G n 
3 2  C n 
3 3  C n 
3 4  C n 
3 5  G n 
3 6  U n 
3 7  C n 
3 8  A n 
3 9  C n 
3 10 A n 
3 11 C n 
3 12 C n 
3 13 A n 
3 14 U n 
3 15 G n 
3 16 G n 
3 17 G n 
3 18 A n 
3 19 G n 
3 20 U n 
3 21 A n 
3 22 U n 
3 23 G n 
3 24 A n 
3 25 C n 
3 26 U n 
3 27 G n 
3 28 G n 
3 29 G n 
3 30 G n 
3 31 U n 
3 32 G n 
3 33 A n 
3 34 A n 
3 35 G n 
3 36 U n 
3 37 C n 
3 38 G n 
3 39 U n 
3 40 A n 
3 41 A n 
3 42 C n 
# 
loop_
_entity_src_nat.entity_id 
_entity_src_nat.pdbx_src_id 
_entity_src_nat.pdbx_alt_source_flag 
_entity_src_nat.pdbx_beg_seq_num 
_entity_src_nat.pdbx_end_seq_num 
_entity_src_nat.common_name 
_entity_src_nat.pdbx_organism_scientific 
_entity_src_nat.pdbx_ncbi_taxonomy_id 
_entity_src_nat.genus 
_entity_src_nat.species 
_entity_src_nat.strain 
_entity_src_nat.tissue 
_entity_src_nat.tissue_fraction 
_entity_src_nat.pdbx_secretion 
_entity_src_nat.pdbx_fragment 
_entity_src_nat.pdbx_variant 
_entity_src_nat.pdbx_cell_line 
_entity_src_nat.pdbx_atcc 
_entity_src_nat.pdbx_cellular_location 
_entity_src_nat.pdbx_organ 
_entity_src_nat.pdbx_organelle 
_entity_src_nat.pdbx_cell 
_entity_src_nat.pdbx_plasmid_name 
_entity_src_nat.pdbx_plasmid_details 
_entity_src_nat.details 
1 1 sample ? ? ? 'Escherichia coli' 562 Escherichia ? MRE600 ? ? ? ? ? ? ? ? ? ? ? ? ? ? 
2 1 sample ? ? ? 'Escherichia coli' 562 Escherichia ? MRE600 ? ? ? ? ? ? ? ? ? ? ? ? ? ? 
3 1 sample ? ? ? 'Escherichia coli' 562 Escherichia ? MRE600 ? ? ? ? ? ? ? ? ? ? ? ? ? ? 
# 
loop_
_chem_comp.id 
_chem_comp.type 
_chem_comp.mon_nstd_flag 
_chem_comp.name 
_chem_comp.pdbx_synonyms 
_chem_comp.formula 
_chem_comp.formula_weight 
A 'RNA linking' y "ADENOSINE-5'-MONOPHOSPHATE" ? 'C10 H14 N5 O7 P' 347.221 
C 'RNA linking' y "CYTIDINE-5'-MONOPHOSPHATE"  ? 'C9 H14 N3 O8 P'  323.197 
G 'RNA linking' y "GUANOSINE-5'-MONOPHOSPHATE" ? 'C10 H14 N5 O8 P' 363.221 
U 'RNA linking' y "URIDINE-5'-MONOPHOSPHATE"   ? 'C9 H13 N2 O9 P'  324.181 
# 
loop_
_pdbx_poly_seq_scheme.asym_id 
_pdbx_poly_seq_scheme.entity_id 
_pdbx_poly_seq_scheme.seq_id 
_pdbx_poly_seq_scheme.mon_id 
_pdbx_poly_seq_scheme.ndb_seq_num 
_pdbx_poly_seq_scheme.pdb_seq_num 
_pdbx_poly_seq_scheme.auth_seq_num 
_pdbx_poly_seq_scheme.pdb_mon_id 
_pdbx_poly_seq_scheme.auth_mon_id 
_pdbx_poly_seq_scheme.pdb_strand_id 
_pdbx_poly_seq_scheme.pdb_ins_code 
_pdbx_poly_seq_scheme.hetero 
A 1 1  U 1  1061 1061 U U A . n 
A 1 2  G 2  1062 1062 G G A . n 
A 1 3  G 3  1063 1063 G G A . n 
A 1 4  C 4  1064 1064 C C A . n 
A 1 5  U 5  1065 1065 U U A . n 
A 1 6  U 6  1066 1066 U U A . n 
A 1 7  A 7  1067 1067 A A A . n 
A 1 8  G 8  1068 1068 G G A . n 
A 1 9  A 9  1069 1069 A A A . n 
A 1 10 A 10 1070 1070 A A A . n 
A 1 11 G 11 1071 1071 G G A . n 
A 1 12 C 12 1072 1072 C C A . n 
B 2 1  G 1  1906 1906 G G B . n 
B 2 2  G 2  1907 1907 G G B . n 
B 2 3  C 3  1908 1908 C C B . n 
B 2 4  C 4  1909 1909 C C B . n 
B 2 5  G 5  1910 1910 G G B . n 
B 2 6  U 6  1911 1911 U U B . n 
B 2 7  A 7  1912 1912 A A B . n 
B 2 8  A 8  1913 1913 A A B . n 
B 2 9  C 9  1914 1914 C C B . n 
B 2 10 U 10 1915 1915 U U B . n 
B 2 11 A 11 1916 1916 A A B . n 
B 2 12 U 12 1917 1917 U U B . n 
B 2 13 A 13 1918 1918 A A B . n 
B 2 14 A 14 1919 1919 A A B . n 
B 2 15 C 15 1920 1920 C C B . n 
B 2 16 G 16 1921 1921 G G B . n 
B 2 17 G 17 1922 1922 G G B . n 
B 2 18 U 18 1923 1923 U U B . n 
B 2 19 C 19 1924 1924 C C B . n 
C 3 1  G 1  1401 1401 G G C . n 
C 3 2  C 2  1402 1402 C C C . n 
C 3 3  C 3  1403 1403 C C C . n 
C 3 4  C 4  1404 1404 C C C . n 
C 3 5  G 5  1405 1405 G G C . n 
C 3 6  U 6  1406 1406 U U C . n 
C 3 7  C 7  1407 1407 C C C . n 
C 3 8  A 8  1408 1408 A A C . n 
C 3 9  C 9  1409 1409 C C C . n 
C 3 10 A 10 1410 1410 A A C . n 
C 3 11 C 11 1411 1411 C C C . n 
C 3 12 C 12 1412 1412 C C C . n 
C 3 13 A 13 1413 1413 A A C . n 
C 3 14 U 14 1414 1414 U U C . n 
C 3 15 G 15 1415 1415 G G C . n 
C 3 16 G 16 1416 1416 G G C . n 
C 3 17 G 17 1417 1417 G G C . n 
C 3 18 A 18 1418 1418 A A C . n 
C 3 19 G 19 1419 1419 G G C . n 
C 3 20 U 20 1420 1420 U U C . n 
C 3 21 A 21 1480 1480 A A C . n 
C 3 22 U 22 1481 1481 U U C . n 
C 3 23 G 23 1482 1482 G G C . n 
C 3 24 A 24 1483 1483 A A C . n 
C 3 25 C 25 1484 1484 C C C . n 
C 3 26 U 26 1485 1485 U U C . n 
C 3 27 G 27 1486 1486 G G C . n 
C 3 28 G 28 1487 1487 G G C . n 
C 3 29 G 29 1488 1488 G G C . n 
C 3 30 G 30 1489 1489 G G C . n 
C 3 31 U 31 1490 1490 U U C . n 
C 3 32 G 32 1491 1491 G G C . n 
C 3 33 A 33 1492 1492 A A C . n 
C 3 34 A 34 1493 1493 A A C . n 
C 3 35 G 35 1494 1494 G G C . n 
C 3 36 U 36 1495 1495 U U C . n 
C 3 37 C 37 1496 1496 C C C . n 
C 3 38 G 38 1497 1497 G G C . n 
C 3 39 U 39 1498 1498 U U C . n 
C 3 40 A 40 1499 1499 A A C . n 
C 3 41 A 41 1500 1500 A A C . n 
C 3 42 C 42 1501 1501 C C C . n 
# 
_exptl.entry_id          1T1O 
_exptl.method            'ELECTRON MICROSCOPY' 
_exptl.crystals_number   ? 
# 
_refine_hist.pdbx_refine_id                   'ELECTRON MICROSCOPY' 
_refine_hist.cycle_id                         LAST 
_refine_hist.pdbx_number_atoms_protein        0 
_refine_hist.pdbx_number_atoms_nucleic_acid   73 
_refine_hist.pdbx_number_atoms_ligand         0 
_refine_hist.number_atoms_solvent             0 
_refine_hist.number_atoms_total               73 
_refine_hist.d_res_high                       . 
_refine_hist.d_res_low                        . 
# 
_struct.entry_id                  1T1O 
_struct.title                     'Components of the control 70S ribosome to provide reference for the RRF binding site' 
_struct.pdbx_model_details        ? 
_struct.pdbx_CASP_flag            ? 
_struct.pdbx_model_type_details   ? 
# 
_struct_keywords.entry_id        1T1O 
_struct_keywords.pdbx_keywords   RIBOSOME 
_struct_keywords.text            'RRF binding position on the ribosome, RIBOSOME' 
# 
loop_
_struct_asym.id 
_struct_asym.pdbx_blank_PDB_chainid_flag 
_struct_asym.pdbx_modified 
_struct_asym.entity_id 
_struct_asym.details 
A N N 1 ? 
B N N 2 ? 
C N N 3 ? 
# 
loop_
_struct_ref.id 
_struct_ref.entity_id 
_struct_ref.db_name 
_struct_ref.db_code 
_struct_ref.pdbx_db_accession 
_struct_ref.pdbx_db_isoform 
_struct_ref.pdbx_seq_one_letter_code 
_struct_ref.pdbx_align_begin 
1 1 PDB 1T1O 1T1O ? ? ? 
2 2 PDB 1T1O 1T1O ? ? ? 
3 3 PDB 1T1O 1T1O ? ? ? 
# 
loop_
_struct_ref_seq.align_id 
_struct_ref_seq.ref_id 
_struct_ref_seq.pdbx_PDB_id_code 
_struct_ref_seq.pdbx_strand_id 
_struct_ref_seq.seq_align_beg 
_struct_ref_seq.pdbx_seq_align_beg_ins_code 
_struct_ref_seq.seq_align_end 
_struct_ref_seq.pdbx_seq_align_end_ins_code 
_struct_ref_seq.pdbx_db_accession 
_struct_ref_seq.db_align_beg 
_struct_ref_seq.pdbx_db_align_beg_ins_code 
_struct_ref_seq.db_align_end 
_struct_ref_seq.pdbx_db_align_end_ins_code 
_struct_ref_seq.pdbx_auth_seq_align_beg 
_struct_ref_seq.pdbx_auth_seq_align_end 
1 1 1T1O A 1 ? 12 ? 1T1O 1061 ? 1072 ? 1061 1072 
2 2 1T1O B 1 ? 19 ? 1T1O 1906 ? 1924 ? 1906 1924 
3 3 1T1O C 1 ? 42 ? 1T1O 1401 ? 1501 ? 1401 1501 
# 
_pdbx_struct_assembly.id                   1 
_pdbx_struct_assembly.details              author_defined_assembly 
_pdbx_struct_assembly.method_details       ? 
_pdbx_struct_assembly.oligomeric_details   trimeric 
_pdbx_struct_assembly.oligomeric_count     3 
# 
_pdbx_struct_assembly_gen.assembly_id       1 
_pdbx_struct_assembly_gen.oper_expression   1 
_pdbx_struct_assembly_gen.asym_id_list      A,B,C 
# 
_pdbx_struct_oper_list.id                   1 
_pdbx_struct_oper_list.type                 'identity operation' 
_pdbx_struct_oper_list.name                 1_555 
_pdbx_struct_oper_list.symmetry_operation   x,y,z 
_pdbx_struct_oper_list.matrix[1][1]         1.0000000000 
_pdbx_struct_oper_list.matrix[1][2]         0.0000000000 
_pdbx_struct_oper_list.matrix[1][3]         0.0000000000 
_pdbx_struct_oper_list.vector[1]            0.0000000000 
_pdbx_struct_oper_list.matrix[2][1]         0.0000000000 
_pdbx_struct_oper_list.matrix[2][2]         1.0000000000 
_pdbx_struct_oper_list.matrix[2][3]         0.0000000000 
_pdbx_struct_oper_list.vector[2]            0.0000000000 
_pdbx_struct_oper_list.matrix[3][1]         0.0000000000 
_pdbx_struct_oper_list.matrix[3][2]         0.0000000000 
_pdbx_struct_oper_list.matrix[3][3]         1.0000000000 
_pdbx_struct_oper_list.vector[3]            0.0000000000 
# 
_struct_biol.id                    1 
_struct_biol.pdbx_parent_biol_id   ? 
_struct_biol.details               ? 
# 
_em_3d_fitting.id                1 
_em_3d_fitting.entry_id          1T1O 
_em_3d_fitting.ref_protocol      OTHER 
_em_3d_fitting.ref_space         ? 
_em_3d_fitting.overall_b_value   ? 
_em_3d_fitting.target_criteria   ? 
_em_3d_fitting.details           'METHOD--Cross corelation coefficient based manual fitting in O' 
_em_3d_fitting.method            ? 
# 
loop_
_em_3d_fitting_list.3d_fitting_id 
_em_3d_fitting_list.id 
_em_3d_fitting_list.pdb_entry_id 
_em_3d_fitting_list.pdb_chain_id 
_em_3d_fitting_list.details 
_em_3d_fitting_list.initial_refinement_model_id 
_em_3d_fitting_list.chain_id 
_em_3d_fitting_list.chain_residue_range 
_em_3d_fitting_list.pdb_chain_residue_range 
_em_3d_fitting_list.source_name 
_em_3d_fitting_list.type 
_em_3d_fitting_list.accession_code 
1 1 1KC9 ? ? 1 ? ? ? PDB 'experimental model' 1KC9 
1 2 1JFJ ? ? 2 ? ? ? PDB 'experimental model' 1JFJ 
# 
_em_3d_reconstruction.entry_id                    1T1O 
_em_3d_reconstruction.id                          1 
_em_3d_reconstruction.symmetry_type               POINT 
_em_3d_reconstruction.num_particles               51217 
_em_3d_reconstruction.image_processing_id         1 
_em_3d_reconstruction.method                      '3D projection matching; conjugate gradients with regularization' 
_em_3d_reconstruction.nominal_pixel_size          ? 
_em_3d_reconstruction.actual_pixel_size           2.82 
_em_3d_reconstruction.resolution                  12 
_em_3d_reconstruction.magnification_calibration   TMV 
_em_3d_reconstruction.details                     'SPIDER package' 
_em_3d_reconstruction.resolution_method           ? 
_em_3d_reconstruction.num_class_averages          ? 
_em_3d_reconstruction.algorithm                   ? 
# 
_em_buffer.id            1 
_em_buffer.specimen_id   1 
_em_buffer.name          ? 
_em_buffer.pH            7.5 
_em_buffer.details       ? 
# 
_em_entity_assembly.id                   1 
_em_entity_assembly.name                 '70S-RRF complex' 
_em_entity_assembly.type                 RIBOSOME 
_em_entity_assembly.parent_id            0 
_em_entity_assembly.synonym              ? 
_em_entity_assembly.details              ? 
_em_entity_assembly.oligomeric_details   ? 
# 
_em_imaging.entry_id                        1T1O 
_em_imaging.id                              1 
_em_imaging.specimen_id                     1 
_em_imaging.date                            2002-06-01 
_em_imaging.temperature                     93 
_em_imaging.microscope_model                'FEI TECNAI F20' 
_em_imaging.nominal_defocus_min             1400 
_em_imaging.nominal_defocus_max             4400 
_em_imaging.tilt_angle_min                  0 
_em_imaging.tilt_angle_max                  0 
_em_imaging.nominal_cs                      2.0 
_em_imaging.mode                            'BRIGHT FIELD' 
_em_imaging.illumination_mode               'FLOOD BEAM' 
_em_imaging.nominal_magnification           50000 
_em_imaging.calibrated_magnification        49696 
_em_imaging.electron_source                 'FIELD EMISSION GUN' 
_em_imaging.accelerating_voltage            200 
_em_imaging.details                         ? 
_em_imaging.specimen_holder_type            ? 
_em_imaging.specimen_holder_model           ? 
_em_imaging.citation_id                     ? 
_em_imaging.detector_distance               ? 
_em_imaging.recording_temperature_maximum   ? 
_em_imaging.recording_temperature_minimum   ? 
_em_imaging.astigmatism                     ? 
_em_imaging.electron_beam_tilt_params       ? 
# 
_em_sample_support.id               1 
_em_sample_support.specimen_id      1 
_em_sample_support.details          'Quantifoil holley-carbon film grids' 
_em_sample_support.film_material    ? 
_em_sample_support.grid_material    ? 
_em_sample_support.grid_mesh_size   ? 
_em_sample_support.grid_type        ? 
_em_sample_support.method           ? 
# 
_em_vitrification.entry_id              1T1O 
_em_vitrification.id                    1 
_em_vitrification.instrument            'HOMEMADE PLUNGER' 
_em_vitrification.cryogen_name          ETHANE 
_em_vitrification.details               'Rapid-freezing in liquid ethane' 
_em_vitrification.citation_id           ? 
_em_vitrification.humidity              ? 
_em_vitrification.method                ? 
_em_vitrification.specimen_id           1 
_em_vitrification.temp                  ? 
_em_vitrification.time_resolved_state   ? 
# 
_em_experiment.entry_id                1T1O 
_em_experiment.id                      1 
_em_experiment.aggregation_state       PARTICLE 
_em_experiment.entity_assembly_id      1 
_em_experiment.reconstruction_method   'SINGLE PARTICLE' 
# 
_em_single_particle_entity.entry_id              1T1O 
_em_single_particle_entity.id                    1 
_em_single_particle_entity.point_symmetry        C1 
_em_single_particle_entity.image_processing_id   1 
# 
loop_
_chem_comp_atom.comp_id 
_chem_comp_atom.atom_id 
_chem_comp_atom.type_symbol 
_chem_comp_atom.pdbx_aromatic_flag 
_chem_comp_atom.pdbx_stereo_config 
_chem_comp_atom.pdbx_ordinal 
A OP3    O N N 1   
A P      P N N 2   
A OP1    O N N 3   
A OP2    O N N 4   
A "O5'"  O N N 5   
A "C5'"  C N N 6   
A "C4'"  C N R 7   
A "O4'"  O N N 8   
A "C3'"  C N S 9   
A "O3'"  O N N 10  
A "C2'"  C N R 11  
A "O2'"  O N N 12  
A "C1'"  C N R 13  
A N9     N Y N 14  
A C8     C Y N 15  
A N7     N Y N 16  
A C5     C Y N 17  
A C6     C Y N 18  
A N6     N N N 19  
A N1     N Y N 20  
A C2     C Y N 21  
A N3     N Y N 22  
A C4     C Y N 23  
A HOP3   H N N 24  
A HOP2   H N N 25  
A "H5'"  H N N 26  
A "H5''" H N N 27  
A "H4'"  H N N 28  
A "H3'"  H N N 29  
A "HO3'" H N N 30  
A "H2'"  H N N 31  
A "HO2'" H N N 32  
A "H1'"  H N N 33  
A H8     H N N 34  
A H61    H N N 35  
A H62    H N N 36  
A H2     H N N 37  
C OP3    O N N 38  
C P      P N N 39  
C OP1    O N N 40  
C OP2    O N N 41  
C "O5'"  O N N 42  
C "C5'"  C N N 43  
C "C4'"  C N R 44  
C "O4'"  O N N 45  
C "C3'"  C N S 46  
C "O3'"  O N N 47  
C "C2'"  C N R 48  
C "O2'"  O N N 49  
C "C1'"  C N R 50  
C N1     N N N 51  
C C2     C N N 52  
C O2     O N N 53  
C N3     N N N 54  
C C4     C N N 55  
C N4     N N N 56  
C C5     C N N 57  
C C6     C N N 58  
C HOP3   H N N 59  
C HOP2   H N N 60  
C "H5'"  H N N 61  
C "H5''" H N N 62  
C "H4'"  H N N 63  
C "H3'"  H N N 64  
C "HO3'" H N N 65  
C "H2'"  H N N 66  
C "HO2'" H N N 67  
C "H1'"  H N N 68  
C H41    H N N 69  
C H42    H N N 70  
C H5     H N N 71  
C H6     H N N 72  
G OP3    O N N 73  
G P      P N N 74  
G OP1    O N N 75  
G OP2    O N N 76  
G "O5'"  O N N 77  
G "C5'"  C N N 78  
G "C4'"  C N R 79  
G "O4'"  O N N 80  
G "C3'"  C N S 81  
G "O3'"  O N N 82  
G "C2'"  C N R 83  
G "O2'"  O N N 84  
G "C1'"  C N R 85  
G N9     N Y N 86  
G C8     C Y N 87  
G N7     N Y N 88  
G C5     C Y N 89  
G C6     C N N 90  
G O6     O N N 91  
G N1     N N N 92  
G C2     C N N 93  
G N2     N N N 94  
G N3     N N N 95  
G C4     C Y N 96  
G HOP3   H N N 97  
G HOP2   H N N 98  
G "H5'"  H N N 99  
G "H5''" H N N 100 
G "H4'"  H N N 101 
G "H3'"  H N N 102 
G "HO3'" H N N 103 
G "H2'"  H N N 104 
G "HO2'" H N N 105 
G "H1'"  H N N 106 
G H8     H N N 107 
G H1     H N N 108 
G H21    H N N 109 
G H22    H N N 110 
U OP3    O N N 111 
U P      P N N 112 
U OP1    O N N 113 
U OP2    O N N 114 
U "O5'"  O N N 115 
U "C5'"  C N N 116 
U "C4'"  C N R 117 
U "O4'"  O N N 118 
U "C3'"  C N S 119 
U "O3'"  O N N 120 
U "C2'"  C N R 121 
U "O2'"  O N N 122 
U "C1'"  C N R 123 
U N1     N N N 124 
U C2     C N N 125 
U O2     O N N 126 
U N3     N N N 127 
U C4     C N N 128 
U O4     O N N 129 
U C5     C N N 130 
U C6     C N N 131 
U HOP3   H N N 132 
U HOP2   H N N 133 
U "H5'"  H N N 134 
U "H5''" H N N 135 
U "H4'"  H N N 136 
U "H3'"  H N N 137 
U "HO3'" H N N 138 
U "H2'"  H N N 139 
U "HO2'" H N N 140 
U "H1'"  H N N 141 
U H3     H N N 142 
U H5     H N N 143 
U H6     H N N 144 
# 
loop_
_chem_comp_bond.comp_id 
_chem_comp_bond.atom_id_1 
_chem_comp_bond.atom_id_2 
_chem_comp_bond.value_order 
_chem_comp_bond.pdbx_aromatic_flag 
_chem_comp_bond.pdbx_stereo_config 
_chem_comp_bond.pdbx_ordinal 
A OP3   P      sing N N 1   
A OP3   HOP3   sing N N 2   
A P     OP1    doub N N 3   
A P     OP2    sing N N 4   
A P     "O5'"  sing N N 5   
A OP2   HOP2   sing N N 6   
A "O5'" "C5'"  sing N N 7   
A "C5'" "C4'"  sing N N 8   
A "C5'" "H5'"  sing N N 9   
A "C5'" "H5''" sing N N 10  
A "C4'" "O4'"  sing N N 11  
A "C4'" "C3'"  sing N N 12  
A "C4'" "H4'"  sing N N 13  
A "O4'" "C1'"  sing N N 14  
A "C3'" "O3'"  sing N N 15  
A "C3'" "C2'"  sing N N 16  
A "C3'" "H3'"  sing N N 17  
A "O3'" "HO3'" sing N N 18  
A "C2'" "O2'"  sing N N 19  
A "C2'" "C1'"  sing N N 20  
A "C2'" "H2'"  sing N N 21  
A "O2'" "HO2'" sing N N 22  
A "C1'" N9     sing N N 23  
A "C1'" "H1'"  sing N N 24  
A N9    C8     sing Y N 25  
A N9    C4     sing Y N 26  
A C8    N7     doub Y N 27  
A C8    H8     sing N N 28  
A N7    C5     sing Y N 29  
A C5    C6     sing Y N 30  
A C5    C4     doub Y N 31  
A C6    N6     sing N N 32  
A C6    N1     doub Y N 33  
A N6    H61    sing N N 34  
A N6    H62    sing N N 35  
A N1    C2     sing Y N 36  
A C2    N3     doub Y N 37  
A C2    H2     sing N N 38  
A N3    C4     sing Y N 39  
C OP3   P      sing N N 40  
C OP3   HOP3   sing N N 41  
C P     OP1    doub N N 42  
C P     OP2    sing N N 43  
C P     "O5'"  sing N N 44  
C OP2   HOP2   sing N N 45  
C "O5'" "C5'"  sing N N 46  
C "C5'" "C4'"  sing N N 47  
C "C5'" "H5'"  sing N N 48  
C "C5'" "H5''" sing N N 49  
C "C4'" "O4'"  sing N N 50  
C "C4'" "C3'"  sing N N 51  
C "C4'" "H4'"  sing N N 52  
C "O4'" "C1'"  sing N N 53  
C "C3'" "O3'"  sing N N 54  
C "C3'" "C2'"  sing N N 55  
C "C3'" "H3'"  sing N N 56  
C "O3'" "HO3'" sing N N 57  
C "C2'" "O2'"  sing N N 58  
C "C2'" "C1'"  sing N N 59  
C "C2'" "H2'"  sing N N 60  
C "O2'" "HO2'" sing N N 61  
C "C1'" N1     sing N N 62  
C "C1'" "H1'"  sing N N 63  
C N1    C2     sing N N 64  
C N1    C6     sing N N 65  
C C2    O2     doub N N 66  
C C2    N3     sing N N 67  
C N3    C4     doub N N 68  
C C4    N4     sing N N 69  
C C4    C5     sing N N 70  
C N4    H41    sing N N 71  
C N4    H42    sing N N 72  
C C5    C6     doub N N 73  
C C5    H5     sing N N 74  
C C6    H6     sing N N 75  
G OP3   P      sing N N 76  
G OP3   HOP3   sing N N 77  
G P     OP1    doub N N 78  
G P     OP2    sing N N 79  
G P     "O5'"  sing N N 80  
G OP2   HOP2   sing N N 81  
G "O5'" "C5'"  sing N N 82  
G "C5'" "C4'"  sing N N 83  
G "C5'" "H5'"  sing N N 84  
G "C5'" "H5''" sing N N 85  
G "C4'" "O4'"  sing N N 86  
G "C4'" "C3'"  sing N N 87  
G "C4'" "H4'"  sing N N 88  
G "O4'" "C1'"  sing N N 89  
G "C3'" "O3'"  sing N N 90  
G "C3'" "C2'"  sing N N 91  
G "C3'" "H3'"  sing N N 92  
G "O3'" "HO3'" sing N N 93  
G "C2'" "O2'"  sing N N 94  
G "C2'" "C1'"  sing N N 95  
G "C2'" "H2'"  sing N N 96  
G "O2'" "HO2'" sing N N 97  
G "C1'" N9     sing N N 98  
G "C1'" "H1'"  sing N N 99  
G N9    C8     sing Y N 100 
G N9    C4     sing Y N 101 
G C8    N7     doub Y N 102 
G C8    H8     sing N N 103 
G N7    C5     sing Y N 104 
G C5    C6     sing N N 105 
G C5    C4     doub Y N 106 
G C6    O6     doub N N 107 
G C6    N1     sing N N 108 
G N1    C2     sing N N 109 
G N1    H1     sing N N 110 
G C2    N2     sing N N 111 
G C2    N3     doub N N 112 
G N2    H21    sing N N 113 
G N2    H22    sing N N 114 
G N3    C4     sing N N 115 
U OP3   P      sing N N 116 
U OP3   HOP3   sing N N 117 
U P     OP1    doub N N 118 
U P     OP2    sing N N 119 
U P     "O5'"  sing N N 120 
U OP2   HOP2   sing N N 121 
U "O5'" "C5'"  sing N N 122 
U "C5'" "C4'"  sing N N 123 
U "C5'" "H5'"  sing N N 124 
U "C5'" "H5''" sing N N 125 
U "C4'" "O4'"  sing N N 126 
U "C4'" "C3'"  sing N N 127 
U "C4'" "H4'"  sing N N 128 
U "O4'" "C1'"  sing N N 129 
U "C3'" "O3'"  sing N N 130 
U "C3'" "C2'"  sing N N 131 
U "C3'" "H3'"  sing N N 132 
U "O3'" "HO3'" sing N N 133 
U "C2'" "O2'"  sing N N 134 
U "C2'" "C1'"  sing N N 135 
U "C2'" "H2'"  sing N N 136 
U "O2'" "HO2'" sing N N 137 
U "C1'" N1     sing N N 138 
U "C1'" "H1'"  sing N N 139 
U N1    C2     sing N N 140 
U N1    C6     sing N N 141 
U C2    O2     doub N N 142 
U C2    N3     sing N N 143 
U N3    C4     sing N N 144 
U N3    H3     sing N N 145 
U C4    O4     doub N N 146 
U C4    C5     sing N N 147 
U C5    C6     doub N N 148 
U C5    H5     sing N N 149 
U C6    H6     sing N N 150 
# 
_em_ctf_correction.id        1 
_em_ctf_correction.details   'CTF correction of 3D-maps by Wiener filtration' 
_em_ctf_correction.type      . 
# 
_em_image_processing.id                   1 
_em_image_processing.image_recording_id   1 
_em_image_processing.details              ? 
# 
_em_image_recording.details                       ? 
_em_image_recording.id                            1 
_em_image_recording.avg_electron_dose_per_image   20 
_em_image_recording.film_or_detector_model        'KODAK SO-163 FILM' 
_em_image_recording.imaging_id                    1 
_em_image_recording.detector_mode                 ? 
_em_image_recording.average_exposure_time         ? 
_em_image_recording.num_diffraction_images        ? 
_em_image_recording.num_grids_imaged              ? 
_em_image_recording.num_real_images               ? 
# 
_em_specimen.experiment_id           1 
_em_specimen.id                      1 
_em_specimen.concentration           32 
_em_specimen.vitrification_applied   YES 
_em_specimen.staining_applied        NO 
_em_specimen.embedding_applied       NO 
_em_specimen.shadowing_applied       NO 
_em_specimen.details                 ? 
# 
loop_
_pdbx_coordinate_model.asym_id 
_pdbx_coordinate_model.type 
A 'P ATOMS ONLY' 
B 'P ATOMS ONLY' 
C 'P ATOMS ONLY' 
# 
loop_
_pdbx_initial_refinement_model.id 
_pdbx_initial_refinement_model.type 
_pdbx_initial_refinement_model.source_name 
_pdbx_initial_refinement_model.accession_code 
1 'experimental model' PDB 1KC9 
2 'experimental model' PDB 1JFJ 
# 
_atom_sites.entry_id                    1T1O 
_atom_sites.fract_transf_matrix[1][1]   1.000000 
_atom_sites.fract_transf_matrix[1][2]   0.000000 
_atom_sites.fract_transf_matrix[1][3]   0.000000 
_atom_sites.fract_transf_matrix[2][1]   0.000000 
_atom_sites.fract_transf_matrix[2][2]   1.000000 
_atom_sites.fract_transf_matrix[2][3]   0.000000 
_atom_sites.fract_transf_matrix[3][1]   0.000000 
_atom_sites.fract_transf_matrix[3][2]   0.000000 
_atom_sites.fract_transf_matrix[3][3]   1.000000 
_atom_sites.fract_transf_vector[1]      0.00000 
_atom_sites.fract_transf_vector[2]      0.00000 
_atom_sites.fract_transf_vector[3]      0.00000 
# 
_atom_type.symbol   P 
# 
loop_
_atom_site.group_PDB 
_atom_site.id 
_atom_site.type_symbol 
_atom_site.label_atom_id 
_atom_site.label_alt_id 
_atom_site.label_comp_id 
_atom_site.label_asym_id 
_atom_site.label_entity_id 
_atom_site.label_seq_id 
_atom_site.pdbx_PDB_ins_code 
_atom_site.Cartn_x 
_atom_site.Cartn_y 
_atom_site.Cartn_z 
_atom_site.occupancy 
_atom_site.B_iso_or_equiv 
_atom_site.pdbx_formal_charge 
_atom_site.auth_seq_id 
_atom_site.auth_comp_id 
_atom_site.auth_asym_id 
_atom_site.auth_atom_id 
_atom_site.pdbx_PDB_model_num 
ATOM 1  P P . U A 1 1  ? 7.764   -63.246 -40.658 1.00 88.72  ? 1061 U A P 1 
ATOM 2  P P . G A 1 2  ? 4.410   -60.396 -41.938 1.00 92.48  ? 1062 G A P 1 
ATOM 3  P P . G A 1 3  ? 3.763   -54.507 -39.219 1.00 90.30  ? 1063 G A P 1 
ATOM 4  P P . C A 1 4  ? 6.131   -50.971 -35.186 1.00 60.38  ? 1064 C A P 1 
ATOM 5  P P . U A 1 5  ? 5.009   -46.048 -34.539 1.00 100.31 ? 1065 U A P 1 
ATOM 6  P P . U A 1 6  ? 2.875   -40.893 -36.247 1.00 132.67 ? 1066 U A P 1 
ATOM 7  P P . A A 1 7  ? 0.586   -38.224 -41.012 1.00 134.62 ? 1067 A A P 1 
ATOM 8  P P . G A 1 8  ? 1.149   -42.940 -44.497 1.00 138.55 ? 1068 G A P 1 
ATOM 9  P P . A A 1 9  ? 4.540   -46.985 -46.202 1.00 132.45 ? 1069 A A P 1 
ATOM 10 P P . A A 1 10 ? 10.165  -49.431 -45.455 1.00 162.07 ? 1070 A A P 1 
ATOM 11 P P . G A 1 11 ? 12.947  -53.140 -50.716 1.00 112.73 ? 1071 G A P 1 
ATOM 12 P P . C A 1 12 ? 15.781  -48.112 -49.107 1.00 149.00 ? 1072 C A P 1 
ATOM 13 P P . G B 2 1  ? 18.032  14.604  18.684  1.00 67.41  ? 1906 G B P 1 
ATOM 14 P P . G B 2 2  ? 21.370  8.962   16.085  1.00 72.07  ? 1907 G B P 1 
ATOM 15 P P . C B 2 3  ? 21.583  4.466   14.767  1.00 89.20  ? 1908 C B P 1 
ATOM 16 P P . C B 2 4  ? 19.191  -1.069  13.860  1.00 103.74 ? 1909 C B P 1 
ATOM 17 P P . G B 2 5  ? 14.514  -4.708  14.769  1.00 105.00 ? 1910 G B P 1 
ATOM 18 P P . U B 2 6  ? 10.096  -6.966  13.418  1.00 161.61 ? 1911 U B P 1 
ATOM 19 P P . A B 2 7  ? 6.143   -3.885  10.508  1.00 97.28  ? 1912 A B P 1 
ATOM 20 P P . A B 2 8  ? 1.800   -4.339  5.924   1.00 117.57 ? 1913 A B P 1 
ATOM 21 P P . C B 2 9  ? -0.583  1.159   5.797   1.00 162.00 ? 1914 C B P 1 
ATOM 22 P P . U B 2 10 ? 3.982   -1.194  3.029   1.00 27.21  ? 1915 U B P 1 
ATOM 23 P P . A B 2 11 ? 9.576   0.584   2.759   1.00 95.30  ? 1916 A B P 1 
ATOM 24 P P . U B 2 12 ? 11.217  4.124   7.429   1.00 84.23  ? 1917 U B P 1 
ATOM 25 P P . A B 2 13 ? 10.610  6.165   13.674  1.00 162.07 ? 1918 A B P 1 
ATOM 26 P P . A B 2 14 ? 6.165   5.900   18.398  1.00 84.83  ? 1919 A B P 1 
ATOM 27 P P . C B 2 15 ? 2.661   6.524   22.237  1.00 113.68 ? 1920 C B P 1 
ATOM 28 P P . G B 2 16 ? 6.418   4.245   27.570  1.00 107.14 ? 1921 G B P 1 
ATOM 29 P P . G B 2 17 ? 10.842  1.892   30.346  1.00 100.36 ? 1922 G B P 1 
ATOM 30 P P . U B 2 18 ? 15.182  -0.208  33.874  1.00 135.00 ? 1923 U B P 1 
ATOM 31 P P . C B 2 19 ? 20.828  0.909   31.447  1.00 129.47 ? 1924 C B P 1 
ATOM 32 P P . G C 3 1  ? -17.845 -2.556  25.014  1.00 51.68  ? 1401 G C P 1 
ATOM 33 P P . C C 3 2  ? -19.599 2.242   23.491  1.00 43.91  ? 1402 C C P 1 
ATOM 34 P P . C C 3 3  ? -17.472 7.483   21.635  1.00 63.28  ? 1403 C C P 1 
ATOM 35 P P . C C 3 4  ? -12.477 10.251  19.483  1.00 53.55  ? 1404 C C P 1 
ATOM 36 P P . G C 3 5  ? -7.990  11.905  16.443  1.00 59.94  ? 1405 G C P 1 
ATOM 37 P P . U C 3 6  ? -3.977  10.884  11.970  1.00 73.43  ? 1406 U C P 1 
ATOM 38 P P . C C 3 7  ? -0.622  9.168   7.844   1.00 76.27  ? 1407 C C P 1 
ATOM 39 P P . A C 3 8  ? -1.552  5.636   2.794   1.00 81.58  ? 1408 A C P 1 
ATOM 40 P P . C C 3 9  ? -5.567  3.981   -0.964  1.00 86.68  ? 1409 C C P 1 
ATOM 41 P P . A C 3 10 ? -10.215 5.074   -3.737  1.00 95.83  ? 1410 A C P 1 
ATOM 42 P P . C C 3 11 ? -13.857 9.077   -5.292  1.00 163.78 ? 1411 C C P 1 
ATOM 43 P P . C C 3 12 ? -15.620 14.905  -5.642  1.00 170.59 ? 1412 C C P 1 
ATOM 44 P P . A C 3 13 ? -15.248 20.670  -5.158  1.00 107.44 ? 1413 A C P 1 
ATOM 45 P P . U C 3 14 ? -12.084 25.883  -4.031  1.00 85.87  ? 1414 U C P 1 
ATOM 46 P P . G C 3 15 ? -6.825  28.646  -2.294  1.00 84.46  ? 1415 G C P 1 
ATOM 47 P P . G C 3 16 ? -1.805  30.308  -1.860  1.00 85.98  ? 1416 G C P 1 
ATOM 48 P P . G C 3 17 ? 3.317   30.881  -3.916  1.00 124.72 ? 1417 G C P 1 
ATOM 49 P P . A C 3 18 ? 5.741   29.731  -9.474  1.00 150.89 ? 1418 A C P 1 
ATOM 50 P P . G C 3 19 ? 9.194   30.500  -13.805 1.00 182.21 ? 1419 G C P 1 
ATOM 51 P P . U C 3 20 ? 7.294   31.507  -19.646 1.00 149.75 ? 1420 U C P 1 
ATOM 52 P P . A C 3 21 ? -9.198  33.423  -11.137 1.00 134.12 ? 1480 A C P 1 
ATOM 53 P P . U C 3 22 ? -9.199  28.437  -14.159 1.00 133.09 ? 1481 U C P 1 
ATOM 54 P P . G C 3 23 ? -6.504  23.404  -15.371 1.00 126.17 ? 1482 G C P 1 
ATOM 55 P P . A C 3 24 ? -1.792  19.986  -13.362 1.00 131.52 ? 1483 A C P 1 
ATOM 56 P P . C C 3 25 ? 1.841   15.837  -12.174 1.00 124.28 ? 1484 C C P 1 
ATOM 57 P P . U C 3 26 ? 4.547   15.318  -6.785  1.00 116.70 ? 1485 U C P 1 
ATOM 58 P P . G C 3 27 ? 3.598   16.251  -0.690  1.00 108.72 ? 1486 G C P 1 
ATOM 59 P P . G C 3 28 ? 1.116   16.125  4.342   1.00 119.99 ? 1487 G C P 1 
ATOM 60 P P . G C 3 29 ? -4.196  16.862  8.407   1.00 73.32  ? 1488 G C P 1 
ATOM 61 P P . G C 3 30 ? -9.578  17.449  9.895   1.00 89.26  ? 1489 G C P 1 
ATOM 62 P P . U C 3 31 ? -15.331 16.234  10.391  1.00 139.41 ? 1490 U C P 1 
ATOM 63 P P . G C 3 32 ? -19.390 12.530  9.034   1.00 184.39 ? 1491 G C P 1 
ATOM 64 P P . A C 3 33 ? -21.320 7.433   7.969   1.00 160.38 ? 1492 A C P 1 
ATOM 65 P P . A C 3 34 ? -17.943 1.653   9.832   1.00 200.93 ? 1493 A C P 1 
ATOM 66 P P . G C 3 35 ? -14.582 -2.293  10.618  1.00 118.15 ? 1494 G C P 1 
ATOM 67 P P . U C 3 36 ? -9.567  -5.116  10.629  1.00 79.93  ? 1495 U C P 1 
ATOM 68 P P . C C 3 37 ? -4.728  -5.668  12.631  1.00 76.77  ? 1496 C C P 1 
ATOM 69 P P . G C 3 38 ? -1.576  -5.214  17.002  1.00 65.71  ? 1497 G C P 1 
ATOM 70 P P . U C 3 39 ? -1.257  -2.182  22.974  1.00 53.61  ? 1498 U C P 1 
ATOM 71 P P . A C 3 40 ? -2.269  3.461   26.417  1.00 39.64  ? 1499 A C P 1 
ATOM 72 P P . A C 3 41 ? -3.292  7.397   28.998  1.00 36.81  ? 1500 A C P 1 
ATOM 73 P P . C C 3 42 ? -6.914  10.224  31.886  1.00 28.55  ? 1501 C C P 1 
# 
